data_1XTY
#
_entry.id   1XTY
#
_cell.length_a   46.816
_cell.length_b   67.232
_cell.length_c   85.352
_cell.angle_alpha   90.00
_cell.angle_beta   95.08
_cell.angle_gamma   90.00
#
_symmetry.space_group_name_H-M   'P 1 21 1'
#
loop_
_entity.id
_entity.type
_entity.pdbx_description
1 polymer 'Peptidyl-tRNA hydrolase'
2 non-polymer 'SULFATE ION'
3 water water
#
_entity_poly.entity_id   1
_entity_poly.type   'polypeptide(L)'
_entity_poly.pdbx_seq_one_letter_code
;MIKMVIVVRSDIKMGKGKIAAQVAHAAVTLVVSIINSNNLRWKEWLNEWLHQGQPKIIVKVNSLDEIISRAKKAETMNLP
FSIIEDAGKTQLEPGTITCLGIGPAPENLVDSITGDLKLL
;
_entity_poly.pdbx_strand_id   A,B,C,D
#
loop_
_chem_comp.id
_chem_comp.type
_chem_comp.name
_chem_comp.formula
SO4 non-polymer 'SULFATE ION' 'O4 S -2'
#
# COMPACT_ATOMS: atom_id res chain seq x y z
N MET A 1 14.46 16.35 -18.01
CA MET A 1 14.79 15.92 -16.62
C MET A 1 13.65 16.30 -15.68
N ILE A 2 13.32 15.41 -14.76
CA ILE A 2 12.28 15.65 -13.77
C ILE A 2 12.98 16.20 -12.55
N LYS A 3 12.43 17.27 -11.98
CA LYS A 3 13.03 17.87 -10.79
C LYS A 3 12.03 18.34 -9.75
N MET A 4 12.50 18.49 -8.52
CA MET A 4 11.68 18.98 -7.43
C MET A 4 12.25 20.33 -7.07
N VAL A 5 11.39 21.31 -6.87
CA VAL A 5 11.85 22.64 -6.49
C VAL A 5 11.23 23.02 -5.15
N ILE A 6 12.06 23.56 -4.27
CA ILE A 6 11.59 24.00 -2.97
C ILE A 6 11.89 25.48 -2.84
N VAL A 7 10.85 26.27 -2.59
CA VAL A 7 10.98 27.72 -2.46
C VAL A 7 10.99 28.09 -0.98
N VAL A 8 12.10 28.66 -0.53
CA VAL A 8 12.25 29.06 0.87
C VAL A 8 12.09 30.57 1.08
N ARG A 9 11.42 30.95 2.17
CA ARG A 9 11.22 32.36 2.51
C ARG A 9 12.48 32.95 3.12
N SER A 10 12.93 34.08 2.59
CA SER A 10 14.13 34.73 3.09
C SER A 10 13.86 35.82 4.13
N ASP A 11 12.61 36.27 4.23
CA ASP A 11 12.27 37.32 5.17
C ASP A 11 12.06 36.90 6.62
N ILE A 12 12.04 35.60 6.87
CA ILE A 12 11.90 35.12 8.24
C ILE A 12 13.27 34.63 8.68
N LYS A 13 13.49 34.56 9.98
CA LYS A 13 14.78 34.14 10.51
C LYS A 13 14.90 32.63 10.73
N MET A 14 15.79 32.01 9.98
CA MET A 14 16.03 30.57 10.09
C MET A 14 17.51 30.25 9.91
N GLY A 15 18.06 29.48 10.86
CA GLY A 15 19.45 29.09 10.77
C GLY A 15 19.57 27.98 9.72
N LYS A 16 20.78 27.60 9.35
CA LYS A 16 20.93 26.56 8.34
C LYS A 16 20.32 25.23 8.78
N GLY A 17 20.39 24.94 10.08
CA GLY A 17 19.82 23.70 10.60
C GLY A 17 18.32 23.73 10.43
N LYS A 18 17.73 24.89 10.73
CA LYS A 18 16.29 25.09 10.63
C LYS A 18 15.85 24.97 9.17
N ILE A 19 16.56 25.64 8.28
CA ILE A 19 16.24 25.60 6.85
C ILE A 19 16.27 24.17 6.33
N ALA A 20 17.29 23.42 6.71
CA ALA A 20 17.40 22.03 6.26
C ALA A 20 16.19 21.20 6.69
N ALA A 21 15.74 21.40 7.92
CA ALA A 21 14.58 20.66 8.42
C ALA A 21 13.32 21.01 7.63
N GLN A 22 13.11 22.30 7.38
CA GLN A 22 11.94 22.76 6.64
C GLN A 22 11.91 22.23 5.20
N VAL A 23 13.05 22.29 4.53
CA VAL A 23 13.14 21.81 3.15
C VAL A 23 12.90 20.29 3.11
N ALA A 24 13.44 19.58 4.09
CA ALA A 24 13.27 18.13 4.16
C ALA A 24 11.79 17.82 4.41
N HIS A 25 11.13 18.69 5.17
CA HIS A 25 9.71 18.55 5.49
C HIS A 25 8.92 18.71 4.18
N ALA A 26 9.27 19.71 3.39
CA ALA A 26 8.60 19.95 2.13
C ALA A 26 8.75 18.76 1.19
N ALA A 27 9.96 18.21 1.10
CA ALA A 27 10.22 17.08 0.21
C ALA A 27 9.49 15.81 0.61
N VAL A 28 9.52 15.47 1.90
CA VAL A 28 8.85 14.26 2.37
C VAL A 28 7.33 14.36 2.20
N THR A 29 6.76 15.50 2.54
CA THR A 29 5.33 15.69 2.40
C THR A 29 4.91 15.51 0.94
N LEU A 30 5.70 16.04 0.01
CA LEU A 30 5.38 15.89 -1.42
C LEU A 30 5.38 14.42 -1.82
N VAL A 31 6.49 13.74 -1.54
CA VAL A 31 6.62 12.32 -1.88
C VAL A 31 5.50 11.46 -1.29
N VAL A 32 5.20 11.64 -0.02
CA VAL A 32 4.14 10.86 0.62
C VAL A 32 2.76 11.18 0.03
N SER A 33 2.51 12.46 -0.28
CA SER A 33 1.22 12.86 -0.84
C SER A 33 1.02 12.23 -2.22
N ILE A 34 2.11 12.10 -2.98
CA ILE A 34 2.04 11.51 -4.31
C ILE A 34 1.80 10.01 -4.23
N ILE A 35 2.54 9.35 -3.35
CA ILE A 35 2.39 7.90 -3.16
C ILE A 35 0.98 7.54 -2.70
N ASN A 36 0.41 8.39 -1.85
CA ASN A 36 -0.94 8.17 -1.34
C ASN A 36 -2.04 8.64 -2.29
N SER A 37 -1.66 9.25 -3.40
CA SER A 37 -2.64 9.73 -4.37
C SER A 37 -2.99 8.62 -5.37
N ASN A 38 -3.87 8.96 -6.30
CA ASN A 38 -4.28 8.03 -7.34
C ASN A 38 -3.99 8.72 -8.68
N ASN A 39 -3.10 9.72 -8.61
CA ASN A 39 -2.71 10.47 -9.79
C ASN A 39 -1.57 9.74 -10.49
N LEU A 40 -1.90 9.05 -11.57
CA LEU A 40 -0.91 8.29 -12.33
C LEU A 40 0.24 9.12 -12.88
N ARG A 41 -0.08 10.31 -13.39
CA ARG A 41 0.97 11.16 -13.92
C ARG A 41 1.98 11.51 -12.84
N TRP A 42 1.49 11.92 -11.67
CA TRP A 42 2.38 12.28 -10.56
C TRP A 42 3.28 11.10 -10.15
N LYS A 43 2.69 9.90 -10.10
CA LYS A 43 3.45 8.72 -9.71
C LYS A 43 4.53 8.38 -10.72
N GLU A 44 4.24 8.62 -12.00
CA GLU A 44 5.22 8.36 -13.05
C GLU A 44 6.38 9.33 -12.87
N TRP A 45 6.07 10.60 -12.65
CA TRP A 45 7.13 11.59 -12.44
C TRP A 45 7.96 11.27 -11.21
N LEU A 46 7.30 10.80 -10.14
CA LEU A 46 8.02 10.46 -8.92
C LEU A 46 9.01 9.32 -9.16
N ASN A 47 8.56 8.27 -9.83
CA ASN A 47 9.43 7.14 -10.13
C ASN A 47 10.65 7.54 -10.94
N GLU A 48 10.44 8.37 -11.96
CA GLU A 48 11.53 8.83 -12.81
C GLU A 48 12.49 9.70 -11.99
N TRP A 49 11.93 10.55 -11.13
CA TRP A 49 12.73 11.43 -10.31
C TRP A 49 13.68 10.63 -9.44
N LEU A 50 13.17 9.56 -8.84
CA LEU A 50 14.00 8.71 -7.99
C LEU A 50 15.10 8.05 -8.82
N HIS A 51 14.75 7.60 -10.03
CA HIS A 51 15.72 6.96 -10.92
C HIS A 51 16.81 7.95 -11.37
N GLN A 52 16.47 9.23 -11.37
CA GLN A 52 17.40 10.27 -11.81
C GLN A 52 18.25 10.84 -10.68
N GLY A 53 18.13 10.28 -9.49
CA GLY A 53 18.92 10.77 -8.36
C GLY A 53 18.28 11.86 -7.52
N GLN A 54 16.95 11.99 -7.61
CA GLN A 54 16.24 12.99 -6.82
C GLN A 54 16.74 14.42 -6.96
N PRO A 55 16.98 14.90 -8.19
CA PRO A 55 17.46 16.26 -8.43
C PRO A 55 16.55 17.29 -7.76
N LYS A 56 17.14 18.22 -7.01
CA LYS A 56 16.38 19.26 -6.33
C LYS A 56 16.96 20.64 -6.60
N ILE A 57 16.09 21.63 -6.63
CA ILE A 57 16.51 23.01 -6.85
C ILE A 57 15.96 23.78 -5.67
N ILE A 58 16.84 24.38 -4.89
CA ILE A 58 16.41 25.15 -3.73
C ILE A 58 16.57 26.63 -4.01
N VAL A 59 15.44 27.31 -4.22
CA VAL A 59 15.44 28.73 -4.51
C VAL A 59 14.81 29.50 -3.36
N LYS A 60 14.85 30.82 -3.43
CA LYS A 60 14.28 31.65 -2.37
C LYS A 60 13.43 32.81 -2.86
N VAL A 61 12.61 33.33 -1.95
CA VAL A 61 11.73 34.47 -2.21
C VAL A 61 11.74 35.27 -0.91
N ASN A 62 11.52 36.58 -0.99
CA ASN A 62 11.55 37.40 0.21
C ASN A 62 10.19 37.84 0.75
N SER A 63 9.14 37.13 0.39
CA SER A 63 7.81 37.47 0.89
C SER A 63 6.83 36.30 0.84
N LEU A 64 5.89 36.31 1.76
CA LEU A 64 4.89 35.25 1.82
C LEU A 64 4.02 35.30 0.57
N ASP A 65 3.71 36.51 0.09
CA ASP A 65 2.87 36.64 -1.10
C ASP A 65 3.47 35.97 -2.33
N GLU A 66 4.79 35.98 -2.45
CA GLU A 66 5.43 35.36 -3.59
C GLU A 66 5.31 33.84 -3.53
N ILE A 67 5.16 33.30 -2.32
CA ILE A 67 5.00 31.87 -2.17
C ILE A 67 3.57 31.49 -2.51
N ILE A 68 2.60 32.29 -2.06
CA ILE A 68 1.20 32.02 -2.35
C ILE A 68 0.97 32.11 -3.86
N SER A 69 1.60 33.09 -4.48
CA SER A 69 1.48 33.29 -5.91
C SER A 69 1.91 32.03 -6.66
N ARG A 70 3.03 31.46 -6.26
CA ARG A 70 3.54 30.26 -6.92
C ARG A 70 2.78 28.99 -6.58
N ALA A 71 2.20 28.94 -5.38
CA ALA A 71 1.41 27.76 -5.01
C ALA A 71 0.15 27.73 -5.86
N LYS A 72 -0.41 28.91 -6.13
CA LYS A 72 -1.62 29.00 -6.94
C LYS A 72 -1.30 28.56 -8.37
N LYS A 73 -0.12 28.93 -8.85
CA LYS A 73 0.32 28.56 -10.18
C LYS A 73 0.43 27.04 -10.27
N ALA A 74 1.09 26.45 -9.29
CA ALA A 74 1.26 25.00 -9.25
C ALA A 74 -0.08 24.27 -9.20
N GLU A 75 -0.98 24.78 -8.37
CA GLU A 75 -2.32 24.21 -8.22
C GLU A 75 -3.14 24.24 -9.51
N THR A 76 -3.14 25.39 -10.16
CA THR A 76 -3.89 25.56 -11.40
C THR A 76 -3.38 24.60 -12.48
N MET A 77 -2.08 24.35 -12.46
CA MET A 77 -1.47 23.45 -13.45
C MET A 77 -1.46 22.00 -12.99
N ASN A 78 -2.17 21.73 -11.91
CA ASN A 78 -2.29 20.38 -11.37
C ASN A 78 -0.97 19.68 -11.09
N LEU A 79 -0.05 20.40 -10.45
CA LEU A 79 1.25 19.84 -10.08
C LEU A 79 1.23 19.61 -8.57
N PRO A 80 2.03 18.65 -8.09
CA PRO A 80 2.07 18.37 -6.65
C PRO A 80 2.73 19.55 -5.95
N PHE A 81 2.20 19.94 -4.79
CA PHE A 81 2.80 21.03 -4.05
C PHE A 81 2.57 20.85 -2.55
N SER A 82 3.43 21.44 -1.74
CA SER A 82 3.30 21.35 -0.29
C SER A 82 3.64 22.68 0.35
N ILE A 83 2.75 23.15 1.22
CA ILE A 83 2.99 24.41 1.93
C ILE A 83 3.34 24.01 3.35
N ILE A 84 4.58 24.30 3.73
CA ILE A 84 5.07 23.93 5.06
C ILE A 84 4.97 25.07 6.08
N GLU A 85 4.43 24.75 7.25
CA GLU A 85 4.32 25.73 8.33
C GLU A 85 5.15 25.24 9.51
N ASP A 86 5.72 26.18 10.25
CA ASP A 86 6.56 25.86 11.40
C ASP A 86 5.74 25.22 12.53
N ALA A 87 6.38 24.32 13.28
CA ALA A 87 5.71 23.65 14.40
C ALA A 87 5.85 24.50 15.66
N GLY A 88 6.46 25.67 15.51
CA GLY A 88 6.63 26.59 16.62
C GLY A 88 7.44 26.09 17.81
N LYS A 89 8.45 25.26 17.56
CA LYS A 89 9.26 24.74 18.66
C LYS A 89 10.40 25.71 19.00
N THR A 90 10.77 26.55 18.06
CA THR A 90 11.84 27.51 18.32
C THR A 90 11.31 28.92 18.04
N GLN A 91 12.20 29.88 17.87
CA GLN A 91 11.84 31.28 17.60
C GLN A 91 10.48 31.48 16.92
N LEU A 92 10.42 31.07 15.65
CA LEU A 92 9.23 31.23 14.84
C LEU A 92 7.94 30.78 15.53
N GLU A 93 6.86 31.51 15.25
CA GLU A 93 5.56 31.19 15.82
C GLU A 93 4.98 30.03 15.03
N PRO A 94 4.30 29.09 15.71
CA PRO A 94 3.73 27.96 14.99
C PRO A 94 2.70 28.45 13.97
N GLY A 95 2.69 27.82 12.80
CA GLY A 95 1.76 28.22 11.77
C GLY A 95 2.40 29.10 10.70
N THR A 96 3.59 29.60 11.00
CA THR A 96 4.32 30.45 10.06
C THR A 96 4.75 29.65 8.82
N ILE A 97 4.32 30.09 7.64
CA ILE A 97 4.69 29.39 6.41
C ILE A 97 6.18 29.65 6.15
N THR A 98 6.96 28.58 6.02
CA THR A 98 8.40 28.70 5.81
C THR A 98 8.87 28.40 4.38
N CYS A 99 8.16 27.51 3.68
CA CYS A 99 8.57 27.18 2.33
C CYS A 99 7.48 26.45 1.55
N LEU A 100 7.74 26.32 0.25
CA LEU A 100 6.81 25.68 -0.68
C LEU A 100 7.55 24.65 -1.53
N GLY A 101 7.03 23.43 -1.56
CA GLY A 101 7.65 22.42 -2.39
C GLY A 101 6.79 22.22 -3.62
N ILE A 102 7.42 21.96 -4.77
CA ILE A 102 6.69 21.74 -6.01
C ILE A 102 7.30 20.56 -6.77
N GLY A 103 6.45 19.66 -7.24
CA GLY A 103 6.95 18.51 -7.99
C GLY A 103 7.06 17.24 -7.17
N PRO A 104 7.89 16.28 -7.62
CA PRO A 104 8.70 16.38 -8.84
C PRO A 104 7.88 16.43 -10.13
N ALA A 105 8.43 17.08 -11.14
CA ALA A 105 7.77 17.21 -12.44
C ALA A 105 8.79 17.72 -13.47
N PRO A 106 8.44 17.65 -14.76
CA PRO A 106 9.34 18.14 -15.82
C PRO A 106 9.90 19.50 -15.44
N GLU A 107 11.22 19.66 -15.47
CA GLU A 107 11.80 20.93 -15.07
C GLU A 107 11.33 22.15 -15.84
N ASN A 108 11.03 21.99 -17.13
CA ASN A 108 10.56 23.11 -17.92
C ASN A 108 9.14 23.47 -17.49
N LEU A 109 8.41 22.46 -17.02
CA LEU A 109 7.05 22.67 -16.57
C LEU A 109 7.14 23.44 -15.25
N VAL A 110 8.05 22.99 -14.38
CA VAL A 110 8.23 23.64 -13.09
C VAL A 110 8.82 25.03 -13.28
N ASP A 111 9.66 25.20 -14.31
CA ASP A 111 10.27 26.50 -14.57
C ASP A 111 9.24 27.54 -14.95
N SER A 112 8.10 27.10 -15.49
CA SER A 112 7.06 28.03 -15.87
C SER A 112 6.45 28.61 -14.59
N ILE A 113 7.05 28.26 -13.46
CA ILE A 113 6.60 28.73 -12.14
C ILE A 113 7.72 29.38 -11.34
N THR A 114 8.89 28.74 -11.31
CA THR A 114 10.02 29.24 -10.53
C THR A 114 11.31 29.52 -11.32
N GLY A 115 11.20 29.66 -12.63
CA GLY A 115 12.38 29.92 -13.43
C GLY A 115 13.05 31.26 -13.21
N ASP A 116 12.42 32.14 -12.44
CA ASP A 116 12.95 33.48 -12.18
C ASP A 116 13.50 33.69 -10.77
N LEU A 117 13.68 32.61 -10.01
CA LEU A 117 14.15 32.76 -8.64
C LEU A 117 15.64 32.49 -8.45
N LYS A 118 16.20 33.14 -7.44
CA LYS A 118 17.62 32.98 -7.11
C LYS A 118 17.79 31.76 -6.21
N LEU A 119 18.92 31.06 -6.37
CA LEU A 119 19.20 29.89 -5.56
C LEU A 119 19.48 30.32 -4.12
N LEU A 120 19.13 29.47 -3.16
CA LEU A 120 19.35 29.77 -1.76
C LEU A 120 20.84 29.60 -1.45
N MET B 1 7.98 8.55 21.42
CA MET B 1 8.19 9.57 20.36
C MET B 1 9.15 9.04 19.30
N ILE B 2 8.72 9.12 18.04
CA ILE B 2 9.53 8.64 16.93
C ILE B 2 10.25 9.82 16.30
N LYS B 3 11.54 9.66 16.02
CA LYS B 3 12.31 10.74 15.40
C LYS B 3 13.24 10.27 14.30
N MET B 4 13.60 11.20 13.43
CA MET B 4 14.53 10.93 12.36
C MET B 4 15.71 11.84 12.64
N VAL B 5 16.93 11.32 12.51
CA VAL B 5 18.10 12.15 12.73
C VAL B 5 18.95 12.14 11.47
N ILE B 6 19.48 13.29 11.09
CA ILE B 6 20.35 13.35 9.93
C ILE B 6 21.66 13.95 10.42
N VAL B 7 22.73 13.18 10.23
CA VAL B 7 24.06 13.57 10.66
C VAL B 7 24.80 14.18 9.45
N VAL B 8 25.14 15.45 9.55
CA VAL B 8 25.82 16.18 8.47
C VAL B 8 27.30 16.39 8.75
N ARG B 9 28.14 16.21 7.73
CA ARG B 9 29.58 16.42 7.86
C ARG B 9 29.90 17.90 7.84
N SER B 10 30.71 18.34 8.79
CA SER B 10 31.09 19.75 8.89
C SER B 10 32.50 20.01 8.35
N ASP B 11 33.24 18.95 8.04
CA ASP B 11 34.61 19.13 7.54
C ASP B 11 34.71 19.32 6.04
N ILE B 12 33.57 19.31 5.35
CA ILE B 12 33.56 19.53 3.90
C ILE B 12 32.77 20.81 3.67
N LYS B 13 33.13 21.54 2.62
CA LYS B 13 32.48 22.80 2.32
C LYS B 13 31.14 22.70 1.62
N MET B 14 30.08 23.04 2.35
CA MET B 14 28.72 23.02 1.84
C MET B 14 27.98 24.25 2.34
N GLY B 15 27.32 24.96 1.43
CA GLY B 15 26.57 26.14 1.82
C GLY B 15 25.17 25.77 2.28
N LYS B 16 24.38 26.78 2.69
CA LYS B 16 23.01 26.56 3.17
C LYS B 16 22.18 25.67 2.26
N GLY B 17 22.08 26.06 0.99
CA GLY B 17 21.31 25.32 0.02
C GLY B 17 21.79 23.90 -0.20
N LYS B 18 23.11 23.72 -0.23
CA LYS B 18 23.69 22.40 -0.44
C LYS B 18 23.31 21.50 0.73
N ILE B 19 23.49 22.00 1.95
CA ILE B 19 23.17 21.23 3.14
C ILE B 19 21.69 20.84 3.14
N ALA B 20 20.82 21.78 2.80
CA ALA B 20 19.39 21.51 2.78
C ALA B 20 19.07 20.42 1.77
N ALA B 21 19.71 20.47 0.61
CA ALA B 21 19.46 19.46 -0.42
C ALA B 21 19.93 18.08 0.02
N GLN B 22 21.08 18.02 0.69
CA GLN B 22 21.61 16.74 1.15
C GLN B 22 20.73 16.13 2.24
N VAL B 23 20.24 16.98 3.13
CA VAL B 23 19.38 16.50 4.22
C VAL B 23 18.05 15.98 3.64
N ALA B 24 17.50 16.71 2.68
CA ALA B 24 16.25 16.29 2.05
C ALA B 24 16.46 14.96 1.30
N HIS B 25 17.67 14.78 0.77
CA HIS B 25 18.01 13.56 0.05
C HIS B 25 18.00 12.39 1.03
N ALA B 26 18.58 12.59 2.21
CA ALA B 26 18.62 11.53 3.23
C ALA B 26 17.20 11.18 3.70
N ALA B 27 16.40 12.22 3.96
CA ALA B 27 15.05 12.00 4.45
C ALA B 27 14.19 11.25 3.43
N VAL B 28 14.21 11.69 2.18
CA VAL B 28 13.40 11.02 1.16
C VAL B 28 13.87 9.59 0.93
N THR B 29 15.18 9.37 0.88
CA THR B 29 15.71 8.04 0.67
C THR B 29 15.24 7.09 1.77
N LEU B 30 15.25 7.58 3.01
CA LEU B 30 14.80 6.77 4.13
C LEU B 30 13.33 6.39 4.00
N VAL B 31 12.48 7.39 3.78
CA VAL B 31 11.05 7.16 3.66
C VAL B 31 10.72 6.20 2.51
N VAL B 32 11.29 6.45 1.34
CA VAL B 32 11.04 5.57 0.20
C VAL B 32 11.50 4.14 0.48
N SER B 33 12.69 4.00 1.06
CA SER B 33 13.22 2.67 1.36
C SER B 33 12.34 1.89 2.34
N ILE B 34 11.72 2.58 3.29
CA ILE B 34 10.84 1.93 4.26
C ILE B 34 9.53 1.51 3.59
N ILE B 35 8.96 2.39 2.79
CA ILE B 35 7.70 2.09 2.10
C ILE B 35 7.87 0.88 1.19
N ASN B 36 9.02 0.76 0.54
CA ASN B 36 9.26 -0.36 -0.36
C ASN B 36 9.83 -1.62 0.28
N SER B 37 10.03 -1.59 1.60
CA SER B 37 10.57 -2.75 2.30
C SER B 37 9.43 -3.68 2.71
N ASN B 38 9.79 -4.77 3.38
CA ASN B 38 8.81 -5.75 3.87
C ASN B 38 8.92 -5.74 5.39
N ASN B 39 9.44 -4.64 5.93
CA ASN B 39 9.63 -4.51 7.37
C ASN B 39 8.44 -3.82 8.04
N LEU B 40 7.56 -4.61 8.65
CA LEU B 40 6.39 -4.06 9.31
C LEU B 40 6.72 -3.07 10.42
N ARG B 41 7.69 -3.42 11.25
CA ARG B 41 8.06 -2.52 12.35
C ARG B 41 8.50 -1.15 11.81
N TRP B 42 9.33 -1.15 10.77
CA TRP B 42 9.78 0.12 10.18
C TRP B 42 8.60 0.93 9.67
N LYS B 43 7.68 0.26 8.96
CA LYS B 43 6.52 0.95 8.42
C LYS B 43 5.64 1.53 9.50
N GLU B 44 5.54 0.84 10.65
CA GLU B 44 4.73 1.35 11.73
C GLU B 44 5.38 2.60 12.32
N TRP B 45 6.70 2.58 12.44
CA TRP B 45 7.41 3.75 12.96
C TRP B 45 7.25 4.95 12.02
N LEU B 46 7.33 4.69 10.71
CA LEU B 46 7.20 5.75 9.71
C LEU B 46 5.85 6.40 9.81
N ASN B 47 4.82 5.58 9.90
CA ASN B 47 3.46 6.07 10.04
C ASN B 47 3.27 6.90 11.29
N GLU B 48 3.83 6.45 12.42
CA GLU B 48 3.70 7.19 13.67
C GLU B 48 4.46 8.51 13.57
N TRP B 49 5.60 8.45 12.89
CA TRP B 49 6.44 9.63 12.69
C TRP B 49 5.68 10.71 11.91
N LEU B 50 5.00 10.31 10.84
CA LEU B 50 4.22 11.26 10.05
C LEU B 50 3.11 11.88 10.88
N HIS B 51 2.42 11.05 11.67
CA HIS B 51 1.33 11.51 12.53
C HIS B 51 1.83 12.44 13.64
N GLN B 52 3.12 12.33 13.96
CA GLN B 52 3.72 13.15 15.00
C GLN B 52 4.35 14.43 14.47
N GLY B 53 4.23 14.66 13.16
CA GLY B 53 4.78 15.87 12.58
C GLY B 53 6.16 15.77 11.96
N GLN B 54 6.59 14.55 11.65
CA GLN B 54 7.89 14.34 11.01
C GLN B 54 9.05 15.02 11.73
N PRO B 55 9.13 14.93 13.06
CA PRO B 55 10.25 15.59 13.75
C PRO B 55 11.63 15.11 13.29
N LYS B 56 12.52 16.06 13.01
CA LYS B 56 13.85 15.72 12.55
C LYS B 56 14.90 16.43 13.39
N ILE B 57 15.95 15.70 13.75
CA ILE B 57 17.04 16.29 14.52
C ILE B 57 18.23 16.33 13.56
N ILE B 58 18.75 17.53 13.32
CA ILE B 58 19.88 17.67 12.42
C ILE B 58 21.13 17.99 13.22
N VAL B 59 22.06 17.05 13.25
CA VAL B 59 23.30 17.20 14.00
C VAL B 59 24.51 17.16 13.07
N LYS B 60 25.69 17.40 13.62
CA LYS B 60 26.90 17.39 12.81
C LYS B 60 28.05 16.59 13.42
N VAL B 61 28.97 16.16 12.56
CA VAL B 61 30.17 15.43 12.96
C VAL B 61 31.27 16.06 12.12
N ASN B 62 32.51 16.04 12.61
CA ASN B 62 33.59 16.66 11.85
C ASN B 62 34.48 15.74 11.02
N SER B 63 34.06 14.50 10.80
CA SER B 63 34.86 13.59 9.99
C SER B 63 34.01 12.49 9.35
N LEU B 64 34.53 11.93 8.26
CA LEU B 64 33.85 10.86 7.57
C LEU B 64 33.84 9.60 8.44
N ASP B 65 34.92 9.40 9.19
CA ASP B 65 35.02 8.22 10.05
C ASP B 65 33.86 8.14 11.03
N GLU B 66 33.46 9.29 11.55
CA GLU B 66 32.35 9.34 12.49
C GLU B 66 31.06 8.89 11.80
N ILE B 67 30.88 9.30 10.55
CA ILE B 67 29.70 8.91 9.79
C ILE B 67 29.61 7.39 9.68
N ILE B 68 30.72 6.76 9.34
CA ILE B 68 30.76 5.30 9.19
C ILE B 68 30.49 4.60 10.52
N SER B 69 31.01 5.17 11.61
CA SER B 69 30.80 4.59 12.92
C SER B 69 29.33 4.55 13.28
N ARG B 70 28.64 5.67 13.06
CA ARG B 70 27.22 5.76 13.38
C ARG B 70 26.39 4.87 12.46
N ALA B 71 26.81 4.75 11.19
CA ALA B 71 26.07 3.92 10.25
C ALA B 71 26.14 2.47 10.71
N LYS B 72 27.31 2.07 11.21
CA LYS B 72 27.51 0.72 11.69
C LYS B 72 26.57 0.47 12.87
N LYS B 73 26.50 1.42 13.79
CA LYS B 73 25.61 1.30 14.94
C LYS B 73 24.15 1.20 14.52
N ALA B 74 23.74 2.01 13.54
CA ALA B 74 22.37 1.98 13.06
C ALA B 74 22.04 0.61 12.47
N GLU B 75 22.97 0.10 11.67
CA GLU B 75 22.82 -1.19 11.02
C GLU B 75 22.71 -2.34 12.03
N THR B 76 23.58 -2.33 13.03
CA THR B 76 23.57 -3.37 14.07
C THR B 76 22.26 -3.34 14.85
N MET B 77 21.67 -2.15 14.99
CA MET B 77 20.42 -2.01 15.72
C MET B 77 19.18 -2.20 14.84
N ASN B 78 19.40 -2.64 13.62
CA ASN B 78 18.33 -2.89 12.67
C ASN B 78 17.41 -1.69 12.46
N LEU B 79 18.01 -0.52 12.31
CA LEU B 79 17.26 0.70 12.07
C LEU B 79 17.48 1.11 10.61
N PRO B 80 16.51 1.82 10.01
CA PRO B 80 16.65 2.24 8.62
C PRO B 80 17.77 3.29 8.61
N PHE B 81 18.62 3.28 7.59
CA PHE B 81 19.67 4.27 7.51
C PHE B 81 20.01 4.53 6.06
N SER B 82 20.55 5.71 5.78
CA SER B 82 20.91 6.09 4.43
C SER B 82 22.21 6.86 4.39
N ILE B 83 23.17 6.39 3.61
CA ILE B 83 24.46 7.07 3.45
C ILE B 83 24.34 7.83 2.12
N ILE B 84 24.34 9.15 2.23
CA ILE B 84 24.20 10.02 1.07
C ILE B 84 25.53 10.50 0.51
N GLU B 85 25.68 10.41 -0.80
CA GLU B 85 26.88 10.89 -1.48
C GLU B 85 26.50 11.95 -2.50
N ASP B 86 27.39 12.93 -2.67
CA ASP B 86 27.20 14.05 -3.59
C ASP B 86 27.07 13.61 -5.05
N ALA B 87 26.35 14.39 -5.85
CA ALA B 87 26.16 14.09 -7.27
C ALA B 87 27.25 14.78 -8.08
N GLY B 88 28.11 15.53 -7.40
CA GLY B 88 29.21 16.23 -8.04
C GLY B 88 28.85 17.28 -9.08
N LYS B 89 27.78 18.02 -8.84
CA LYS B 89 27.36 19.06 -9.77
C LYS B 89 27.98 20.42 -9.41
N THR B 90 28.52 20.52 -8.21
CA THR B 90 29.13 21.76 -7.72
C THR B 90 30.53 21.49 -7.18
N GLN B 91 30.99 22.35 -6.29
CA GLN B 91 32.32 22.22 -5.69
C GLN B 91 32.73 20.80 -5.34
N LEU B 92 31.91 20.11 -4.56
CA LEU B 92 32.21 18.74 -4.15
C LEU B 92 32.33 17.73 -5.27
N GLU B 93 33.24 16.79 -5.10
CA GLU B 93 33.46 15.72 -6.08
C GLU B 93 32.31 14.73 -5.93
N PRO B 94 31.83 14.16 -7.05
CA PRO B 94 30.73 13.20 -6.98
C PRO B 94 31.21 12.02 -6.12
N GLY B 95 30.28 11.40 -5.39
CA GLY B 95 30.67 10.28 -4.56
C GLY B 95 31.11 10.64 -3.15
N THR B 96 31.24 11.93 -2.87
CA THR B 96 31.65 12.36 -1.54
C THR B 96 30.50 12.15 -0.57
N ILE B 97 30.75 11.43 0.53
CA ILE B 97 29.72 11.19 1.53
C ILE B 97 29.46 12.52 2.24
N THR B 98 28.21 12.97 2.24
CA THR B 98 27.86 14.24 2.85
C THR B 98 27.11 14.12 4.17
N CYS B 99 26.26 13.11 4.27
CA CYS B 99 25.50 12.93 5.49
C CYS B 99 24.94 11.52 5.62
N LEU B 100 24.41 11.24 6.81
CA LEU B 100 23.84 9.94 7.13
C LEU B 100 22.46 10.16 7.74
N GLY B 101 21.45 9.47 7.22
CA GLY B 101 20.12 9.59 7.79
C GLY B 101 19.83 8.34 8.58
N ILE B 102 19.13 8.48 9.71
CA ILE B 102 18.77 7.31 10.52
C ILE B 102 17.32 7.44 10.96
N GLY B 103 16.57 6.35 10.81
CA GLY B 103 15.18 6.39 11.22
C GLY B 103 14.17 6.56 10.09
N PRO B 104 12.94 6.94 10.40
CA PRO B 104 12.40 7.22 11.74
C PRO B 104 12.43 6.01 12.67
N ALA B 105 12.70 6.25 13.95
CA ALA B 105 12.75 5.18 14.95
C ALA B 105 12.50 5.78 16.32
N PRO B 106 12.18 4.94 17.32
CA PRO B 106 11.94 5.45 18.67
C PRO B 106 13.11 6.32 19.13
N GLU B 107 12.78 7.43 19.76
CA GLU B 107 13.80 8.38 20.24
C GLU B 107 15.00 7.75 20.97
N ASN B 108 14.75 6.82 21.90
CA ASN B 108 15.85 6.21 22.65
C ASN B 108 16.81 5.39 21.79
N LEU B 109 16.29 4.75 20.74
CA LEU B 109 17.16 3.97 19.85
C LEU B 109 18.02 4.94 19.04
N VAL B 110 17.41 5.99 18.52
CA VAL B 110 18.15 6.96 17.73
C VAL B 110 19.19 7.70 18.57
N ASP B 111 18.79 8.18 19.75
CA ASP B 111 19.70 8.91 20.63
C ASP B 111 20.87 8.07 21.15
N SER B 112 20.73 6.75 21.17
CA SER B 112 21.83 5.91 21.63
C SER B 112 22.95 5.98 20.60
N ILE B 113 22.61 6.44 19.40
CA ILE B 113 23.59 6.55 18.32
C ILE B 113 24.08 7.98 18.14
N THR B 114 23.17 8.95 18.22
CA THR B 114 23.55 10.34 17.99
C THR B 114 23.37 11.32 19.16
N GLY B 115 22.93 10.82 20.30
CA GLY B 115 22.70 11.70 21.45
C GLY B 115 23.85 12.56 21.93
N ASP B 116 25.08 12.20 21.54
CA ASP B 116 26.28 12.93 21.94
C ASP B 116 26.71 13.99 20.91
N LEU B 117 25.99 14.07 19.80
CA LEU B 117 26.34 15.00 18.76
C LEU B 117 25.70 16.39 18.88
N LYS B 118 26.42 17.40 18.42
CA LYS B 118 25.94 18.78 18.48
C LYS B 118 24.99 19.10 17.33
N LEU B 119 24.02 19.96 17.59
CA LEU B 119 23.07 20.38 16.57
C LEU B 119 23.81 21.16 15.50
N LEU B 120 23.35 21.02 14.25
CA LEU B 120 23.98 21.74 13.15
C LEU B 120 23.57 23.21 13.21
N MET C 1 -26.01 -4.76 -15.44
CA MET C 1 -25.36 -5.19 -14.17
C MET C 1 -24.02 -5.86 -14.44
N ILE C 2 -23.03 -5.55 -13.61
CA ILE C 2 -21.70 -6.12 -13.72
C ILE C 2 -21.71 -7.40 -12.89
N LYS C 3 -21.14 -8.47 -13.42
CA LYS C 3 -21.10 -9.72 -12.69
C LYS C 3 -19.80 -10.48 -12.90
N MET C 4 -19.51 -11.38 -11.96
CA MET C 4 -18.34 -12.22 -12.04
C MET C 4 -18.85 -13.63 -12.23
N VAL C 5 -18.26 -14.38 -13.16
CA VAL C 5 -18.68 -15.75 -13.40
C VAL C 5 -17.53 -16.70 -13.12
N ILE C 6 -17.80 -17.76 -12.38
CA ILE C 6 -16.79 -18.76 -12.10
C ILE C 6 -17.25 -20.09 -12.69
N VAL C 7 -16.42 -20.65 -13.56
CA VAL C 7 -16.73 -21.91 -14.23
C VAL C 7 -15.99 -23.04 -13.54
N VAL C 8 -16.74 -23.99 -13.00
CA VAL C 8 -16.15 -25.12 -12.27
C VAL C 8 -16.22 -26.43 -13.05
N ARG C 9 -15.14 -27.23 -12.97
CA ARG C 9 -15.09 -28.52 -13.64
C ARG C 9 -15.83 -29.58 -12.83
N SER C 10 -16.79 -30.25 -13.46
CA SER C 10 -17.54 -31.29 -12.78
C SER C 10 -17.01 -32.69 -13.06
N ASP C 11 -16.04 -32.79 -13.98
CA ASP C 11 -15.47 -34.08 -14.31
C ASP C 11 -14.37 -34.55 -13.35
N ILE C 12 -14.05 -33.71 -12.37
CA ILE C 12 -13.05 -34.06 -11.37
C ILE C 12 -13.78 -34.12 -10.02
N LYS C 13 -13.25 -34.92 -9.09
CA LYS C 13 -13.90 -35.09 -7.79
C LYS C 13 -13.55 -34.03 -6.75
N MET C 14 -14.55 -33.24 -6.36
CA MET C 14 -14.38 -32.19 -5.37
C MET C 14 -15.60 -32.12 -4.47
N GLY C 15 -15.37 -32.14 -3.15
CA GLY C 15 -16.46 -32.05 -2.21
C GLY C 15 -16.92 -30.61 -2.04
N LYS C 16 -17.95 -30.41 -1.22
CA LYS C 16 -18.49 -29.08 -0.97
C LYS C 16 -17.43 -28.07 -0.55
N GLY C 17 -16.68 -28.43 0.50
CA GLY C 17 -15.65 -27.55 1.00
C GLY C 17 -14.58 -27.24 -0.03
N LYS C 18 -14.20 -28.27 -0.78
CA LYS C 18 -13.17 -28.12 -1.81
C LYS C 18 -13.61 -27.12 -2.87
N ILE C 19 -14.81 -27.31 -3.41
CA ILE C 19 -15.34 -26.42 -4.43
C ILE C 19 -15.41 -24.97 -3.93
N ALA C 20 -15.86 -24.79 -2.70
CA ALA C 20 -15.97 -23.45 -2.14
C ALA C 20 -14.60 -22.80 -2.10
N ALA C 21 -13.59 -23.56 -1.68
CA ALA C 21 -12.24 -23.02 -1.60
C ALA C 21 -11.72 -22.64 -3.00
N GLN C 22 -11.95 -23.49 -3.99
CA GLN C 22 -11.47 -23.20 -5.35
C GLN C 22 -12.18 -21.99 -5.95
N VAL C 23 -13.48 -21.88 -5.72
CA VAL C 23 -14.25 -20.74 -6.26
C VAL C 23 -13.77 -19.45 -5.60
N ALA C 24 -13.54 -19.50 -4.28
CA ALA C 24 -13.05 -18.34 -3.55
C ALA C 24 -11.66 -17.95 -4.02
N HIS C 25 -10.87 -18.94 -4.43
CA HIS C 25 -9.52 -18.68 -4.91
C HIS C 25 -9.63 -17.94 -6.26
N ALA C 26 -10.55 -18.39 -7.11
CA ALA C 26 -10.74 -17.76 -8.40
C ALA C 26 -11.17 -16.31 -8.22
N ALA C 27 -12.09 -16.08 -7.28
CA ALA C 27 -12.60 -14.73 -7.03
C ALA C 27 -11.54 -13.77 -6.48
N VAL C 28 -10.78 -14.23 -5.49
CA VAL C 28 -9.76 -13.37 -4.91
C VAL C 28 -8.64 -13.08 -5.92
N THR C 29 -8.23 -14.09 -6.67
CA THR C 29 -7.18 -13.88 -7.67
C THR C 29 -7.61 -12.82 -8.68
N LEU C 30 -8.86 -12.85 -9.11
CA LEU C 30 -9.36 -11.86 -10.07
C LEU C 30 -9.29 -10.44 -9.50
N VAL C 31 -9.89 -10.25 -8.33
CA VAL C 31 -9.94 -8.94 -7.70
C VAL C 31 -8.54 -8.36 -7.48
N VAL C 32 -7.62 -9.18 -6.94
CA VAL C 32 -6.27 -8.71 -6.70
C VAL C 32 -5.52 -8.38 -8.00
N SER C 33 -5.71 -9.21 -9.02
CA SER C 33 -5.03 -8.97 -10.31
C SER C 33 -5.53 -7.67 -10.92
N ILE C 34 -6.81 -7.36 -10.74
CA ILE C 34 -7.38 -6.13 -11.28
C ILE C 34 -6.85 -4.93 -10.52
N ILE C 35 -6.87 -5.00 -9.19
CA ILE C 35 -6.37 -3.91 -8.35
C ILE C 35 -4.91 -3.61 -8.65
N ASN C 36 -4.14 -4.65 -8.96
CA ASN C 36 -2.71 -4.50 -9.27
C ASN C 36 -2.42 -4.23 -10.75
N SER C 37 -3.46 -4.10 -11.56
CA SER C 37 -3.27 -3.83 -12.99
C SER C 37 -3.25 -2.34 -13.23
N ASN C 38 -3.11 -1.95 -14.50
CA ASN C 38 -3.11 -0.55 -14.87
C ASN C 38 -4.24 -0.37 -15.87
N ASN C 39 -5.23 -1.25 -15.81
CA ASN C 39 -6.37 -1.22 -16.70
C ASN C 39 -7.52 -0.45 -16.06
N LEU C 40 -7.72 0.78 -16.50
CA LEU C 40 -8.77 1.65 -15.98
C LEU C 40 -10.18 1.07 -16.14
N ARG C 41 -10.43 0.43 -17.28
CA ARG C 41 -11.74 -0.16 -17.52
C ARG C 41 -12.03 -1.26 -16.50
N TRP C 42 -11.07 -2.16 -16.32
CA TRP C 42 -11.23 -3.25 -15.38
C TRP C 42 -11.52 -2.73 -13.96
N LYS C 43 -10.79 -1.71 -13.55
CA LYS C 43 -10.98 -1.14 -12.22
C LYS C 43 -12.35 -0.50 -12.06
N GLU C 44 -12.87 0.08 -13.14
CA GLU C 44 -14.19 0.69 -13.08
C GLU C 44 -15.23 -0.40 -12.84
N TRP C 45 -15.12 -1.49 -13.62
CA TRP C 45 -16.05 -2.60 -13.47
C TRP C 45 -15.98 -3.20 -12.06
N LEU C 46 -14.77 -3.28 -11.50
CA LEU C 46 -14.61 -3.84 -10.17
C LEU C 46 -15.31 -2.96 -9.13
N ASN C 47 -15.11 -1.65 -9.22
CA ASN C 47 -15.74 -0.74 -8.28
C ASN C 47 -17.26 -0.85 -8.33
N GLU C 48 -17.82 -0.90 -9.55
CA GLU C 48 -19.26 -1.03 -9.72
C GLU C 48 -19.77 -2.37 -9.18
N TRP C 49 -19.01 -3.42 -9.43
CA TRP C 49 -19.36 -4.75 -8.98
C TRP C 49 -19.50 -4.79 -7.45
N LEU C 50 -18.54 -4.19 -6.75
CA LEU C 50 -18.58 -4.17 -5.29
C LEU C 50 -19.81 -3.39 -4.83
N HIS C 51 -20.10 -2.29 -5.50
CA HIS C 51 -21.25 -1.46 -5.15
C HIS C 51 -22.56 -2.19 -5.42
N GLN C 52 -22.54 -3.12 -6.36
CA GLN C 52 -23.75 -3.87 -6.72
C GLN C 52 -23.96 -5.13 -5.89
N GLY C 53 -23.11 -5.35 -4.90
CA GLY C 53 -23.25 -6.53 -4.06
C GLY C 53 -22.42 -7.73 -4.47
N GLN C 54 -21.42 -7.52 -5.33
CA GLN C 54 -20.55 -8.61 -5.77
C GLN C 54 -21.30 -9.80 -6.36
N PRO C 55 -22.29 -9.56 -7.24
CA PRO C 55 -23.08 -10.64 -7.85
C PRO C 55 -22.16 -11.66 -8.55
N LYS C 56 -22.36 -12.93 -8.24
CA LYS C 56 -21.57 -14.00 -8.84
C LYS C 56 -22.46 -15.09 -9.43
N ILE C 57 -22.04 -15.64 -10.57
CA ILE C 57 -22.77 -16.70 -11.22
C ILE C 57 -21.81 -17.88 -11.25
N ILE C 58 -22.15 -18.98 -10.59
CA ILE C 58 -21.29 -20.15 -10.56
C ILE C 58 -21.86 -21.24 -11.45
N VAL C 59 -21.17 -21.50 -12.57
CA VAL C 59 -21.62 -22.51 -13.52
C VAL C 59 -20.64 -23.68 -13.60
N LYS C 60 -20.95 -24.66 -14.43
CA LYS C 60 -20.10 -25.82 -14.56
C LYS C 60 -19.90 -26.29 -16.00
N VAL C 61 -18.82 -27.06 -16.20
CA VAL C 61 -18.47 -27.65 -17.49
C VAL C 61 -17.91 -29.03 -17.14
N ASN C 62 -18.06 -29.98 -18.05
CA ASN C 62 -17.59 -31.34 -17.79
C ASN C 62 -16.24 -31.72 -18.37
N SER C 63 -15.44 -30.74 -18.80
CA SER C 63 -14.14 -31.05 -19.37
C SER C 63 -13.19 -29.86 -19.32
N LEU C 64 -11.89 -30.16 -19.29
CA LEU C 64 -10.86 -29.13 -19.26
C LEU C 64 -10.89 -28.31 -20.54
N ASP C 65 -11.15 -28.97 -21.67
CA ASP C 65 -11.18 -28.27 -22.95
C ASP C 65 -12.20 -27.15 -23.00
N GLU C 66 -13.34 -27.35 -22.34
CA GLU C 66 -14.37 -26.33 -22.33
C GLU C 66 -13.89 -25.14 -21.47
N ILE C 67 -13.00 -25.41 -20.52
CA ILE C 67 -12.46 -24.35 -19.69
C ILE C 67 -11.48 -23.53 -20.52
N ILE C 68 -10.59 -24.23 -21.22
CA ILE C 68 -9.59 -23.57 -22.05
C ILE C 68 -10.24 -22.73 -23.15
N SER C 69 -11.26 -23.28 -23.79
CA SER C 69 -11.92 -22.57 -24.87
C SER C 69 -12.49 -21.28 -24.33
N ARG C 70 -13.04 -21.32 -23.13
CA ARG C 70 -13.62 -20.12 -22.56
C ARG C 70 -12.57 -19.15 -22.05
N ALA C 71 -11.42 -19.64 -21.59
CA ALA C 71 -10.41 -18.70 -21.14
C ALA C 71 -9.88 -17.94 -22.37
N LYS C 72 -9.84 -18.63 -23.51
CA LYS C 72 -9.35 -18.02 -24.75
C LYS C 72 -10.29 -16.88 -25.18
N LYS C 73 -11.59 -17.12 -25.10
CA LYS C 73 -12.55 -16.09 -25.46
C LYS C 73 -12.36 -14.87 -24.57
N ALA C 74 -12.25 -15.10 -23.26
CA ALA C 74 -12.07 -14.01 -22.30
C ALA C 74 -10.83 -13.21 -22.62
N GLU C 75 -9.74 -13.92 -22.91
CA GLU C 75 -8.46 -13.31 -23.23
C GLU C 75 -8.51 -12.45 -24.49
N THR C 76 -9.14 -12.98 -25.54
CA THR C 76 -9.24 -12.27 -26.81
C THR C 76 -10.06 -10.99 -26.68
N MET C 77 -11.06 -11.00 -25.81
CA MET C 77 -11.90 -9.83 -25.61
C MET C 77 -11.34 -8.89 -24.56
N ASN C 78 -10.19 -9.28 -24.00
CA ASN C 78 -9.51 -8.49 -22.99
C ASN C 78 -10.30 -8.31 -21.70
N LEU C 79 -10.84 -9.42 -21.18
CA LEU C 79 -11.57 -9.40 -19.92
C LEU C 79 -10.68 -10.06 -18.88
N PRO C 80 -10.79 -9.66 -17.61
CA PRO C 80 -9.92 -10.31 -16.63
C PRO C 80 -10.36 -11.75 -16.42
N PHE C 81 -9.40 -12.65 -16.25
CA PHE C 81 -9.72 -14.05 -16.03
C PHE C 81 -8.66 -14.70 -15.14
N SER C 82 -9.04 -15.79 -14.48
CA SER C 82 -8.10 -16.49 -13.61
C SER C 82 -8.26 -17.99 -13.78
N ILE C 83 -7.13 -18.67 -13.99
CA ILE C 83 -7.13 -20.12 -14.14
C ILE C 83 -6.56 -20.67 -12.84
N ILE C 84 -7.42 -21.37 -12.09
CA ILE C 84 -7.04 -21.92 -10.81
C ILE C 84 -6.62 -23.38 -10.88
N GLU C 85 -5.48 -23.69 -10.26
CA GLU C 85 -4.96 -25.05 -10.22
C GLU C 85 -4.87 -25.47 -8.76
N ASP C 86 -5.09 -26.75 -8.50
CA ASP C 86 -5.05 -27.30 -7.16
C ASP C 86 -3.64 -27.29 -6.56
N ALA C 87 -3.55 -27.15 -5.24
CA ALA C 87 -2.27 -27.13 -4.54
C ALA C 87 -1.84 -28.55 -4.19
N GLY C 88 -2.67 -29.52 -4.55
CA GLY C 88 -2.38 -30.92 -4.30
C GLY C 88 -2.24 -31.31 -2.84
N LYS C 89 -3.01 -30.68 -1.96
CA LYS C 89 -2.95 -30.98 -0.53
C LYS C 89 -3.80 -32.20 -0.16
N THR C 90 -4.64 -32.66 -1.09
CA THR C 90 -5.48 -33.83 -0.84
C THR C 90 -5.52 -34.71 -2.08
N GLN C 91 -6.67 -35.33 -2.32
CA GLN C 91 -6.87 -36.23 -3.46
C GLN C 91 -6.25 -35.69 -4.75
N LEU C 92 -6.85 -34.63 -5.28
CA LEU C 92 -6.40 -34.03 -6.53
C LEU C 92 -4.89 -33.78 -6.61
N GLU C 93 -4.33 -34.07 -7.79
CA GLU C 93 -2.91 -33.87 -8.03
C GLU C 93 -2.63 -32.36 -8.11
N PRO C 94 -1.49 -31.92 -7.56
CA PRO C 94 -1.20 -30.48 -7.65
C PRO C 94 -1.04 -30.09 -9.11
N GLY C 95 -1.58 -28.93 -9.48
CA GLY C 95 -1.48 -28.48 -10.86
C GLY C 95 -2.73 -28.74 -11.68
N THR C 96 -3.64 -29.53 -11.14
CA THR C 96 -4.90 -29.84 -11.81
C THR C 96 -5.76 -28.58 -11.89
N ILE C 97 -6.16 -28.18 -13.09
CA ILE C 97 -7.00 -27.01 -13.26
C ILE C 97 -8.40 -27.35 -12.72
N THR C 98 -8.89 -26.54 -11.78
CA THR C 98 -10.19 -26.81 -11.17
C THR C 98 -11.32 -25.89 -11.63
N CYS C 99 -10.99 -24.62 -11.89
CA CYS C 99 -12.02 -23.69 -12.31
C CYS C 99 -11.43 -22.47 -12.99
N LEU C 100 -12.32 -21.68 -13.60
CA LEU C 100 -11.97 -20.47 -14.32
C LEU C 100 -12.83 -19.30 -13.87
N GLY C 101 -12.19 -18.18 -13.51
CA GLY C 101 -12.95 -17.02 -13.11
C GLY C 101 -12.90 -15.99 -14.22
N ILE C 102 -14.01 -15.30 -14.46
CA ILE C 102 -14.05 -14.25 -15.49
C ILE C 102 -14.75 -13.00 -14.96
N GLY C 103 -14.17 -11.84 -15.20
CA GLY C 103 -14.79 -10.60 -14.74
C GLY C 103 -14.18 -10.08 -13.45
N PRO C 104 -14.88 -9.19 -12.73
CA PRO C 104 -16.21 -8.64 -13.03
C PRO C 104 -16.26 -7.89 -14.37
N ALA C 105 -17.40 -7.99 -15.05
CA ALA C 105 -17.58 -7.31 -16.34
C ALA C 105 -19.07 -7.30 -16.66
N PRO C 106 -19.49 -6.45 -17.63
CA PRO C 106 -20.90 -6.38 -18.01
C PRO C 106 -21.48 -7.77 -18.26
N GLU C 107 -22.61 -8.04 -17.63
CA GLU C 107 -23.28 -9.34 -17.71
C GLU C 107 -23.46 -9.91 -19.12
N ASN C 108 -23.90 -9.08 -20.06
CA ASN C 108 -24.10 -9.55 -21.42
C ASN C 108 -22.79 -9.78 -22.15
N LEU C 109 -21.75 -9.08 -21.70
CA LEU C 109 -20.44 -9.25 -22.30
C LEU C 109 -19.90 -10.59 -21.82
N VAL C 110 -20.13 -10.91 -20.55
CA VAL C 110 -19.68 -12.19 -20.01
C VAL C 110 -20.53 -13.32 -20.58
N ASP C 111 -21.81 -13.04 -20.85
CA ASP C 111 -22.71 -14.04 -21.41
C ASP C 111 -22.21 -14.48 -22.79
N SER C 112 -21.53 -13.58 -23.48
CA SER C 112 -20.99 -13.88 -24.80
C SER C 112 -20.10 -15.12 -24.63
N ILE C 113 -19.59 -15.28 -23.42
CA ILE C 113 -18.71 -16.39 -23.08
C ILE C 113 -19.38 -17.56 -22.37
N THR C 114 -20.02 -17.28 -21.23
CA THR C 114 -20.67 -18.31 -20.43
C THR C 114 -22.20 -18.37 -20.58
N GLY C 115 -22.68 -18.57 -21.81
CA GLY C 115 -24.11 -18.61 -22.03
C GLY C 115 -24.82 -19.93 -21.80
N ASP C 116 -24.32 -21.00 -22.41
CA ASP C 116 -24.94 -22.32 -22.31
C ASP C 116 -24.51 -23.15 -21.11
N LEU C 117 -24.05 -22.51 -20.05
CA LEU C 117 -23.60 -23.28 -18.89
C LEU C 117 -24.64 -23.46 -17.79
N LYS C 118 -24.75 -24.70 -17.32
CA LYS C 118 -25.68 -25.08 -16.27
C LYS C 118 -25.13 -24.55 -14.94
N LEU C 119 -26.01 -24.10 -14.06
CA LEU C 119 -25.58 -23.61 -12.75
C LEU C 119 -25.01 -24.80 -12.00
N LEU C 120 -23.97 -24.56 -11.20
CA LEU C 120 -23.35 -25.63 -10.43
C LEU C 120 -24.35 -26.27 -9.48
N MET D 1 2.41 -19.67 9.69
CA MET D 1 1.64 -19.62 8.41
C MET D 1 0.39 -18.76 8.60
N ILE D 2 0.06 -18.00 7.56
CA ILE D 2 -1.11 -17.12 7.59
C ILE D 2 -2.28 -17.86 6.95
N LYS D 3 -3.45 -17.79 7.58
CA LYS D 3 -4.62 -18.48 7.02
C LYS D 3 -5.90 -17.67 7.09
N MET D 4 -6.84 -18.01 6.22
CA MET D 4 -8.15 -17.37 6.24
C MET D 4 -9.11 -18.49 6.57
N VAL D 5 -10.08 -18.22 7.44
CA VAL D 5 -11.07 -19.23 7.79
C VAL D 5 -12.45 -18.67 7.48
N ILE D 6 -13.31 -19.51 6.91
CA ILE D 6 -14.67 -19.09 6.62
C ILE D 6 -15.55 -20.09 7.33
N VAL D 7 -16.41 -19.58 8.22
CA VAL D 7 -17.33 -20.39 9.01
C VAL D 7 -18.70 -20.37 8.33
N VAL D 8 -19.16 -21.53 7.87
CA VAL D 8 -20.44 -21.62 7.16
C VAL D 8 -21.55 -22.20 8.03
N ARG D 9 -22.75 -21.63 7.94
CA ARG D 9 -23.89 -22.15 8.71
C ARG D 9 -24.44 -23.38 8.01
N SER D 10 -24.66 -24.44 8.77
CA SER D 10 -25.17 -25.68 8.21
C SER D 10 -26.65 -25.87 8.50
N ASP D 11 -27.21 -25.02 9.36
CA ASP D 11 -28.61 -25.12 9.74
C ASP D 11 -29.58 -24.43 8.79
N ILE D 12 -29.06 -23.81 7.73
CA ILE D 12 -29.93 -23.16 6.75
C ILE D 12 -29.72 -23.93 5.47
N LYS D 13 -30.71 -23.90 4.58
CA LYS D 13 -30.63 -24.65 3.35
C LYS D 13 -29.85 -23.98 2.23
N MET D 14 -28.64 -24.48 1.99
CA MET D 14 -27.78 -23.94 0.95
C MET D 14 -27.17 -25.09 0.14
N GLY D 15 -27.29 -25.00 -1.18
CA GLY D 15 -26.72 -26.02 -2.05
C GLY D 15 -25.24 -25.80 -2.27
N LYS D 16 -24.63 -26.67 -3.07
CA LYS D 16 -23.21 -26.59 -3.39
C LYS D 16 -22.83 -25.22 -3.95
N GLY D 17 -23.52 -24.81 -4.99
CA GLY D 17 -23.24 -23.54 -5.62
C GLY D 17 -23.48 -22.36 -4.69
N LYS D 18 -24.52 -22.45 -3.88
CA LYS D 18 -24.85 -21.39 -2.94
C LYS D 18 -23.72 -21.18 -1.94
N ILE D 19 -23.25 -22.27 -1.35
CA ILE D 19 -22.18 -22.20 -0.37
C ILE D 19 -20.92 -21.58 -0.99
N ALA D 20 -20.55 -22.06 -2.17
CA ALA D 20 -19.37 -21.54 -2.84
C ALA D 20 -19.48 -20.02 -3.05
N ALA D 21 -20.68 -19.57 -3.42
CA ALA D 21 -20.90 -18.15 -3.64
C ALA D 21 -20.75 -17.35 -2.34
N GLN D 22 -21.29 -17.88 -1.25
CA GLN D 22 -21.22 -17.20 0.04
C GLN D 22 -19.78 -17.14 0.54
N VAL D 23 -19.04 -18.23 0.38
CA VAL D 23 -17.65 -18.26 0.81
C VAL D 23 -16.81 -17.27 -0.01
N ALA D 24 -17.03 -17.22 -1.31
CA ALA D 24 -16.29 -16.30 -2.17
C ALA D 24 -16.62 -14.85 -1.78
N HIS D 25 -17.84 -14.63 -1.33
CA HIS D 25 -18.27 -13.29 -0.92
C HIS D 25 -17.50 -12.90 0.35
N ALA D 26 -17.38 -13.84 1.29
CA ALA D 26 -16.66 -13.57 2.52
C ALA D 26 -15.19 -13.27 2.26
N ALA D 27 -14.58 -14.07 1.39
CA ALA D 27 -13.16 -13.90 1.08
C ALA D 27 -12.87 -12.57 0.39
N VAL D 28 -13.68 -12.22 -0.60
CA VAL D 28 -13.45 -10.96 -1.31
C VAL D 28 -13.69 -9.77 -0.38
N THR D 29 -14.74 -9.83 0.43
CA THR D 29 -15.03 -8.73 1.34
C THR D 29 -13.85 -8.50 2.27
N LEU D 30 -13.27 -9.58 2.78
CA LEU D 30 -12.11 -9.46 3.67
C LEU D 30 -10.92 -8.80 2.99
N VAL D 31 -10.55 -9.31 1.82
CA VAL D 31 -9.41 -8.78 1.09
C VAL D 31 -9.58 -7.31 0.76
N VAL D 32 -10.75 -6.94 0.24
CA VAL D 32 -11.00 -5.54 -0.11
C VAL D 32 -10.98 -4.65 1.13
N SER D 33 -11.56 -5.12 2.23
CA SER D 33 -11.58 -4.34 3.46
C SER D 33 -10.16 -4.07 3.97
N ILE D 34 -9.28 -5.06 3.83
CA ILE D 34 -7.90 -4.88 4.29
C ILE D 34 -7.15 -3.91 3.37
N ILE D 35 -7.35 -4.05 2.07
CA ILE D 35 -6.68 -3.17 1.11
C ILE D 35 -7.08 -1.72 1.32
N ASN D 36 -8.35 -1.50 1.65
CA ASN D 36 -8.86 -0.14 1.88
C ASN D 36 -8.67 0.38 3.31
N SER D 37 -8.09 -0.43 4.17
CA SER D 37 -7.86 -0.01 5.55
C SER D 37 -6.52 0.70 5.65
N ASN D 38 -6.19 1.17 6.84
CA ASN D 38 -4.92 1.84 7.08
C ASN D 38 -4.17 0.98 8.11
N ASN D 39 -4.57 -0.29 8.21
CA ASN D 39 -3.96 -1.22 9.14
C ASN D 39 -2.76 -1.94 8.53
N LEU D 40 -1.56 -1.49 8.87
CA LEU D 40 -0.34 -2.07 8.33
C LEU D 40 -0.14 -3.54 8.64
N ARG D 41 -0.51 -3.98 9.84
CA ARG D 41 -0.35 -5.37 10.22
C ARG D 41 -1.27 -6.25 9.37
N TRP D 42 -2.52 -5.83 9.20
CA TRP D 42 -3.45 -6.60 8.36
C TRP D 42 -2.89 -6.71 6.94
N LYS D 43 -2.37 -5.61 6.42
CA LYS D 43 -1.82 -5.61 5.07
C LYS D 43 -0.62 -6.53 4.95
N GLU D 44 0.16 -6.62 6.02
CA GLU D 44 1.32 -7.52 6.03
C GLU D 44 0.81 -8.95 5.96
N TRP D 45 -0.20 -9.26 6.76
CA TRP D 45 -0.77 -10.60 6.76
C TRP D 45 -1.33 -10.96 5.39
N LEU D 46 -1.98 -9.99 4.75
CA LEU D 46 -2.58 -10.22 3.43
C LEU D 46 -1.51 -10.52 2.38
N ASN D 47 -0.43 -9.74 2.41
CA ASN D 47 0.67 -9.94 1.46
C ASN D 47 1.29 -11.33 1.63
N GLU D 48 1.51 -11.73 2.88
CA GLU D 48 2.09 -13.03 3.18
C GLU D 48 1.13 -14.16 2.77
N TRP D 49 -0.15 -13.95 3.03
CA TRP D 49 -1.17 -14.93 2.69
C TRP D 49 -1.19 -15.20 1.18
N LEU D 50 -1.13 -14.15 0.38
CA LEU D 50 -1.13 -14.31 -1.07
C LEU D 50 0.13 -15.05 -1.51
N HIS D 51 1.26 -14.70 -0.92
CA HIS D 51 2.55 -15.33 -1.25
C HIS D 51 2.57 -16.81 -0.84
N GLN D 52 1.75 -17.16 0.14
CA GLN D 52 1.70 -18.53 0.62
C GLN D 52 0.65 -19.38 -0.08
N GLY D 53 -0.06 -18.80 -1.03
CA GLY D 53 -1.06 -19.53 -1.79
C GLY D 53 -2.51 -19.37 -1.37
N GLN D 54 -2.82 -18.31 -0.63
CA GLN D 54 -4.18 -18.06 -0.20
C GLN D 54 -4.86 -19.23 0.51
N PRO D 55 -4.15 -19.94 1.41
CA PRO D 55 -4.79 -21.07 2.09
C PRO D 55 -6.04 -20.70 2.89
N LYS D 56 -7.10 -21.47 2.68
CA LYS D 56 -8.36 -21.22 3.38
C LYS D 56 -8.88 -22.46 4.07
N ILE D 57 -9.45 -22.26 5.24
CA ILE D 57 -10.02 -23.36 5.99
C ILE D 57 -11.53 -23.09 6.00
N ILE D 58 -12.31 -24.03 5.52
CA ILE D 58 -13.76 -23.86 5.50
C ILE D 58 -14.38 -24.81 6.51
N VAL D 59 -14.94 -24.23 7.56
CA VAL D 59 -15.55 -25.02 8.63
C VAL D 59 -17.04 -24.70 8.75
N LYS D 60 -17.72 -25.43 9.61
CA LYS D 60 -19.15 -25.22 9.77
C LYS D 60 -19.58 -25.14 11.23
N VAL D 61 -20.73 -24.49 11.44
CA VAL D 61 -21.35 -24.37 12.76
C VAL D 61 -22.84 -24.56 12.46
N ASN D 62 -23.62 -25.01 13.43
CA ASN D 62 -25.02 -25.25 13.14
C ASN D 62 -26.03 -24.30 13.74
N SER D 63 -25.62 -23.06 14.01
CA SER D 63 -26.53 -22.06 14.55
C SER D 63 -25.98 -20.65 14.30
N LEU D 64 -26.89 -19.68 14.25
CA LEU D 64 -26.49 -18.29 14.02
C LEU D 64 -25.77 -17.77 15.26
N ASP D 65 -26.24 -18.18 16.43
CA ASP D 65 -25.62 -17.72 17.68
C ASP D 65 -24.13 -18.02 17.72
N GLU D 66 -23.74 -19.16 17.17
CA GLU D 66 -22.34 -19.55 17.16
C GLU D 66 -21.54 -18.63 16.23
N ILE D 67 -22.18 -18.16 15.15
CA ILE D 67 -21.52 -17.27 14.21
C ILE D 67 -21.21 -15.95 14.94
N ILE D 68 -22.18 -15.45 15.69
CA ILE D 68 -22.01 -14.20 16.43
C ILE D 68 -20.91 -14.32 17.48
N SER D 69 -20.86 -15.47 18.15
CA SER D 69 -19.85 -15.70 19.18
C SER D 69 -18.45 -15.60 18.59
N ARG D 70 -18.25 -16.24 17.45
CA ARG D 70 -16.95 -16.23 16.80
C ARG D 70 -16.62 -14.84 16.27
N ALA D 71 -17.62 -14.13 15.77
CA ALA D 71 -17.39 -12.77 15.25
C ALA D 71 -16.89 -11.89 16.39
N LYS D 72 -17.48 -12.06 17.57
CA LYS D 72 -17.09 -11.28 18.74
C LYS D 72 -15.62 -11.52 19.08
N LYS D 73 -15.22 -12.78 19.09
CA LYS D 73 -13.82 -13.12 19.38
C LYS D 73 -12.86 -12.52 18.36
N ALA D 74 -13.23 -12.58 17.07
CA ALA D 74 -12.36 -12.03 16.03
C ALA D 74 -12.19 -10.53 16.23
N GLU D 75 -13.28 -9.87 16.56
CA GLU D 75 -13.29 -8.44 16.78
C GLU D 75 -12.43 -8.03 17.98
N THR D 76 -12.56 -8.74 19.10
CA THR D 76 -11.77 -8.40 20.28
C THR D 76 -10.28 -8.68 20.05
N MET D 77 -9.98 -9.60 19.14
CA MET D 77 -8.58 -9.94 18.83
C MET D 77 -8.03 -9.06 17.72
N ASN D 78 -8.81 -8.07 17.29
CA ASN D 78 -8.42 -7.14 16.25
C ASN D 78 -8.04 -7.82 14.94
N LEU D 79 -8.83 -8.80 14.55
CA LEU D 79 -8.60 -9.52 13.30
C LEU D 79 -9.64 -9.08 12.28
N PRO D 80 -9.31 -9.14 10.98
CA PRO D 80 -10.30 -8.73 9.98
C PRO D 80 -11.42 -9.77 10.01
N PHE D 81 -12.67 -9.35 9.87
CA PHE D 81 -13.75 -10.31 9.87
C PHE D 81 -14.88 -9.78 8.99
N SER D 82 -15.68 -10.69 8.45
CA SER D 82 -16.79 -10.31 7.60
C SER D 82 -18.01 -11.15 7.87
N ILE D 83 -19.13 -10.49 8.16
CA ILE D 83 -20.39 -11.18 8.40
C ILE D 83 -21.16 -11.04 7.08
N ILE D 84 -21.39 -12.16 6.43
CA ILE D 84 -22.08 -12.17 5.14
C ILE D 84 -23.56 -12.51 5.26
N GLU D 85 -24.40 -11.73 4.58
CA GLU D 85 -25.84 -11.97 4.57
C GLU D 85 -26.30 -12.18 3.13
N ASP D 86 -27.25 -13.08 2.96
CA ASP D 86 -27.79 -13.44 1.65
C ASP D 86 -28.47 -12.26 0.95
N ALA D 87 -28.43 -12.28 -0.39
CA ALA D 87 -29.06 -11.21 -1.18
C ALA D 87 -30.52 -11.55 -1.44
N GLY D 88 -30.94 -12.74 -1.02
CA GLY D 88 -32.32 -13.17 -1.16
C GLY D 88 -32.82 -13.35 -2.58
N LYS D 89 -31.95 -13.76 -3.50
CA LYS D 89 -32.35 -13.97 -4.87
C LYS D 89 -32.92 -15.39 -5.03
N THR D 90 -32.64 -16.26 -4.07
CA THR D 90 -33.15 -17.61 -4.13
C THR D 90 -33.93 -17.91 -2.85
N GLN D 91 -34.11 -19.19 -2.55
CA GLN D 91 -34.86 -19.64 -1.38
C GLN D 91 -34.71 -18.76 -0.15
N LEU D 92 -33.47 -18.63 0.31
CA LEU D 92 -33.18 -17.86 1.51
C LEU D 92 -33.68 -16.42 1.46
N GLU D 93 -34.15 -15.92 2.59
CA GLU D 93 -34.64 -14.55 2.69
C GLU D 93 -33.42 -13.61 2.70
N PRO D 94 -33.54 -12.43 2.07
CA PRO D 94 -32.40 -11.50 2.07
C PRO D 94 -32.11 -11.13 3.51
N GLY D 95 -30.84 -10.86 3.82
CA GLY D 95 -30.49 -10.49 5.18
C GLY D 95 -30.14 -11.66 6.08
N THR D 96 -30.36 -12.88 5.60
CA THR D 96 -30.03 -14.06 6.39
C THR D 96 -28.50 -14.18 6.46
N ILE D 97 -27.97 -14.30 7.67
CA ILE D 97 -26.51 -14.46 7.83
C ILE D 97 -26.18 -15.88 7.39
N THR D 98 -25.25 -16.00 6.44
CA THR D 98 -24.88 -17.30 5.90
C THR D 98 -23.51 -17.78 6.35
N CYS D 99 -22.57 -16.86 6.53
CA CYS D 99 -21.23 -17.24 6.94
C CYS D 99 -20.44 -16.09 7.52
N LEU D 100 -19.30 -16.43 8.12
CA LEU D 100 -18.41 -15.47 8.74
C LEU D 100 -17.00 -15.73 8.24
N GLY D 101 -16.34 -14.69 7.74
CA GLY D 101 -14.97 -14.85 7.28
C GLY D 101 -14.05 -14.20 8.29
N ILE D 102 -12.89 -14.81 8.53
CA ILE D 102 -11.93 -14.24 9.47
C ILE D 102 -10.52 -14.33 8.89
N GLY D 103 -9.78 -13.24 8.98
CA GLY D 103 -8.42 -13.22 8.46
C GLY D 103 -8.29 -12.54 7.12
N PRO D 104 -7.19 -12.79 6.39
CA PRO D 104 -6.06 -13.67 6.75
C PRO D 104 -5.36 -13.20 8.02
N ALA D 105 -4.88 -14.15 8.82
CA ALA D 105 -4.19 -13.84 10.06
C ALA D 105 -3.34 -15.04 10.46
N PRO D 106 -2.38 -14.84 11.37
CA PRO D 106 -1.53 -15.96 11.81
C PRO D 106 -2.39 -17.15 12.24
N GLU D 107 -1.97 -18.34 11.84
CA GLU D 107 -2.67 -19.57 12.14
C GLU D 107 -3.13 -19.70 13.60
N ASN D 108 -2.24 -19.41 14.56
CA ASN D 108 -2.61 -19.53 15.98
C ASN D 108 -3.70 -18.58 16.45
N LEU D 109 -3.77 -17.40 15.83
CA LEU D 109 -4.79 -16.43 16.20
C LEU D 109 -6.13 -16.91 15.65
N VAL D 110 -6.13 -17.32 14.38
CA VAL D 110 -7.35 -17.81 13.75
C VAL D 110 -7.85 -19.08 14.44
N ASP D 111 -6.93 -20.02 14.71
CA ASP D 111 -7.31 -21.28 15.35
C ASP D 111 -7.81 -21.11 16.79
N SER D 112 -7.43 -20.04 17.46
CA SER D 112 -7.90 -19.83 18.82
C SER D 112 -9.41 -19.56 18.75
N ILE D 113 -9.88 -19.20 17.57
CA ILE D 113 -11.29 -18.90 17.38
C ILE D 113 -12.07 -20.07 16.76
N THR D 114 -11.48 -20.70 15.75
CA THR D 114 -12.16 -21.78 15.04
C THR D 114 -11.55 -23.18 15.12
N GLY D 115 -10.44 -23.32 15.85
CA GLY D 115 -9.78 -24.62 15.96
C GLY D 115 -10.62 -25.79 16.42
N ASP D 116 -11.76 -25.51 17.04
CA ASP D 116 -12.65 -26.55 17.55
C ASP D 116 -13.79 -26.91 16.59
N LEU D 117 -13.85 -26.23 15.45
CA LEU D 117 -14.92 -26.48 14.49
C LEU D 117 -14.61 -27.56 13.45
N LYS D 118 -15.65 -28.25 13.02
CA LYS D 118 -15.51 -29.30 12.03
C LYS D 118 -15.45 -28.75 10.62
N LEU D 119 -14.66 -29.41 9.77
CA LEU D 119 -14.53 -28.99 8.38
C LEU D 119 -15.84 -29.19 7.64
N LEU D 120 -16.09 -28.34 6.65
CA LEU D 120 -17.29 -28.45 5.84
C LEU D 120 -17.04 -29.55 4.81
S SO4 E . 9.33 21.97 12.70
O1 SO4 E . 8.84 23.34 12.43
O2 SO4 E . 9.55 21.81 14.15
O3 SO4 E . 10.59 21.75 11.97
O4 SO4 E . 8.31 21.00 12.24
S SO4 F . 4.22 35.88 8.37
O1 SO4 F . 4.79 35.55 9.68
O2 SO4 F . 4.27 34.68 7.50
O3 SO4 F . 5.00 36.96 7.75
O4 SO4 F . 2.82 36.31 8.54
S SO4 G . 36.35 13.05 1.59
O1 SO4 G . 36.61 13.89 2.78
O2 SO4 G . 37.45 12.07 1.44
O3 SO4 G . 36.28 13.90 0.39
O4 SO4 G . 35.09 12.32 1.77
S SO4 H . 23.27 16.34 -5.12
O1 SO4 H . 22.25 17.11 -4.39
O2 SO4 H . 24.44 16.09 -4.26
O3 SO4 H . 23.69 17.09 -6.32
O4 SO4 H . 22.69 15.05 -5.54
S SO4 I . -5.83 -25.40 -2.71
O1 SO4 I . -5.21 -24.11 -3.04
O2 SO4 I . -5.08 -26.03 -1.60
O3 SO4 I . -5.80 -26.28 -3.89
O4 SO4 I . -7.23 -25.19 -2.29
S SO4 J . -6.94 -33.46 -15.77
O1 SO4 J . -7.17 -32.07 -15.35
O2 SO4 J . -5.95 -34.08 -14.86
O3 SO4 J . -6.44 -33.49 -17.15
O4 SO4 J . -8.20 -34.22 -15.69
S SO4 K . -25.91 -13.58 -2.86
O1 SO4 K . -25.27 -12.25 -2.76
O2 SO4 K . -26.38 -14.00 -1.54
O3 SO4 K . -24.93 -14.56 -3.39
O4 SO4 K . -27.06 -13.51 -3.79
S SO4 L . -32.19 -17.30 10.58
O1 SO4 L . -30.95 -16.62 10.15
O2 SO4 L . -32.67 -16.66 11.83
O3 SO4 L . -31.92 -18.73 10.83
O4 SO4 L . -33.21 -17.17 9.53
#